data_6AEJ
#
_entry.id   6AEJ
#
_cell.length_a   142.057
_cell.length_b   142.057
_cell.length_c   84.672
_cell.angle_alpha   90.00
_cell.angle_beta   90.00
_cell.angle_gamma   120.00
#
_symmetry.space_group_name_H-M   'H 3'
#
loop_
_entity.id
_entity.type
_entity.pdbx_description
1 polymer 'Alpha-ketoglutarate-dependent dioxygenase FTO,Alpha-ketoglutarate-dependent dioxygenase FTO'
2 non-polymer (E)-3-[3-nitro-4,5-bis(oxidanyl)phenyl]-2-(1,3-oxazinan-3-ylcarbonyl)prop-2-enenitrile
3 non-polymer 'ZINC ION'
#
_entity_poly.entity_id   1
_entity_poly.type   'polypeptide(L)'
_entity_poly.pdbx_seq_one_letter_code
;MGSSHHHHHHSSGLVPRGSHMTPKDDEFYQQWQLKYPKLILREASSVSEELHKEVQEAFLTLHKHGCLFRDLVRIQGKDL
LTPVSRILIGNPGCTYKYLNTRLFTVPWPVKGSNIKHTEAEIAAACETFLKLNDYLQIETIQALEELAASNGQDEVDIKS
RAAYNVTLLNFMDPQKMPYLKEEPYFGMGKMAVSWHHDENLVDRSAVAVYSYSCEGPEEESEDDSHLEGRDPDIWHVGFK
ISWDIETPGLAIPLHQGDCYFMLDDLNATHQHCVLAGSQPRFSSTHRVAECSTGTLDYILQRCQLALQNVCDDVDNDDVS
LKSFEPAVLKQGEEIHNEVEFEWLRQFWFQGNRYRKCTDWWCQPMAQLEALWKKMEGVTNAVLHEVKREGLPVEQRNEIL
TAILASLTARQNLRREWHARCQSRIARTLPADQKPECRPYWEKDDASMPLPFDLTDIVSELRGQLLEAKP
;
_entity_poly.pdbx_strand_id   A
#
# COMPACT_ATOMS: atom_id res chain seq x y z
N ARG A 17 -22.25 27.25 13.02
CA ARG A 17 -21.25 26.52 13.87
C ARG A 17 -20.89 25.15 13.24
N GLY A 18 -20.33 24.26 14.05
CA GLY A 18 -20.05 22.88 13.63
C GLY A 18 -19.82 22.01 14.86
N SER A 19 -20.62 20.96 15.00
CA SER A 19 -20.74 20.24 16.28
C SER A 19 -20.34 18.77 16.22
N HIS A 20 -19.90 18.26 17.35
CA HIS A 20 -19.64 16.86 17.47
C HIS A 20 -20.00 16.34 18.86
N MET A 21 -19.96 15.02 19.02
CA MET A 21 -20.37 14.39 20.27
C MET A 21 -19.27 13.54 20.88
N THR A 22 -19.18 13.58 22.21
CA THR A 22 -18.30 12.71 22.98
C THR A 22 -19.11 12.05 24.10
N PRO A 23 -18.57 11.03 24.78
CA PRO A 23 -19.27 10.50 25.98
C PRO A 23 -19.76 11.57 26.99
N LYS A 24 -19.12 12.74 26.99
CA LYS A 24 -19.57 13.88 27.77
C LYS A 24 -20.99 14.35 27.38
N ASP A 25 -21.52 13.91 26.23
CA ASP A 25 -22.88 14.28 25.79
C ASP A 25 -23.83 13.09 25.92
N ASP A 26 -25.10 13.41 26.08
CA ASP A 26 -26.12 12.41 26.38
C ASP A 26 -26.64 11.83 25.09
N GLU A 27 -26.78 12.75 24.13
CA GLU A 27 -27.09 12.43 22.75
C GLU A 27 -26.13 11.41 22.10
N PHE A 28 -24.86 11.47 22.50
CA PHE A 28 -23.78 10.60 22.01
C PHE A 28 -24.16 9.12 21.98
N TYR A 29 -24.73 8.68 23.07
CA TYR A 29 -24.96 7.29 23.26
C TYR A 29 -26.04 6.77 22.29
N GLN A 30 -27.12 7.53 22.11
CA GLN A 30 -28.14 7.17 21.14
C GLN A 30 -27.71 7.51 19.74
N GLN A 31 -26.86 8.50 19.58
CA GLN A 31 -26.31 8.74 18.27
C GLN A 31 -25.49 7.54 17.82
N TRP A 32 -24.64 7.03 18.72
CA TRP A 32 -23.85 5.84 18.45
C TRP A 32 -24.79 4.70 18.03
N GLN A 33 -25.75 4.37 18.88
CA GLN A 33 -26.70 3.27 18.66
C GLN A 33 -27.56 3.34 17.37
N LEU A 34 -27.98 4.53 16.96
CA LEU A 34 -28.91 4.62 15.83
C LEU A 34 -28.28 5.02 14.53
N LYS A 35 -27.10 5.62 14.56
CA LYS A 35 -26.44 6.01 13.33
C LYS A 35 -25.00 5.50 13.17
N TYR A 36 -24.54 4.65 14.10
CA TYR A 36 -23.23 4.02 14.02
C TYR A 36 -23.18 2.64 14.69
N PRO A 37 -24.26 1.86 14.59
CA PRO A 37 -24.24 0.53 15.25
C PRO A 37 -23.17 -0.42 14.73
N LYS A 38 -22.66 -0.18 13.51
CA LYS A 38 -21.56 -0.99 12.98
C LYS A 38 -20.17 -0.61 13.53
N LEU A 39 -20.11 0.41 14.36
CA LEU A 39 -18.86 0.80 14.96
C LEU A 39 -18.87 0.20 16.34
N ILE A 40 -17.89 -0.64 16.62
CA ILE A 40 -17.79 -1.28 17.94
C ILE A 40 -16.52 -0.88 18.63
N LEU A 41 -16.59 -0.83 19.96
CA LEU A 41 -15.48 -0.45 20.81
C LEU A 41 -15.37 -1.48 21.92
N ARG A 42 -14.15 -1.93 22.17
CA ARG A 42 -13.85 -2.83 23.27
C ARG A 42 -12.67 -2.23 24.00
N GLU A 43 -12.88 -1.91 25.25
CA GLU A 43 -11.91 -1.12 25.97
C GLU A 43 -10.81 -1.99 26.53
N ALA A 44 -9.75 -1.36 27.01
CA ALA A 44 -8.54 -2.07 27.43
C ALA A 44 -8.88 -3.20 28.43
N SER A 45 -9.77 -2.88 29.38
CA SER A 45 -10.39 -3.84 30.32
C SER A 45 -10.68 -5.20 29.72
N SER A 46 -11.29 -5.20 28.53
CA SER A 46 -11.70 -6.39 27.80
C SER A 46 -10.57 -7.18 27.12
N VAL A 47 -9.31 -6.83 27.37
CA VAL A 47 -8.20 -7.48 26.66
C VAL A 47 -7.15 -7.94 27.65
N SER A 48 -6.78 -9.23 27.54
CA SER A 48 -5.62 -9.80 28.22
C SER A 48 -4.46 -8.81 28.50
N GLU A 49 -4.04 -8.71 29.77
CA GLU A 49 -2.93 -7.83 30.15
C GLU A 49 -1.61 -8.46 29.75
N GLU A 50 -1.61 -9.78 29.54
CA GLU A 50 -0.46 -10.47 28.97
C GLU A 50 -0.19 -9.89 27.59
N LEU A 51 -1.24 -9.97 26.75
CA LEU A 51 -1.24 -9.45 25.37
C LEU A 51 -0.95 -7.96 25.28
N HIS A 52 -1.55 -7.17 26.16
CA HIS A 52 -1.27 -5.72 26.24
C HIS A 52 0.22 -5.41 26.34
N LYS A 53 0.91 -6.10 27.25
CA LYS A 53 2.33 -5.86 27.47
C LYS A 53 3.10 -6.22 26.20
N GLU A 54 2.80 -7.41 25.69
CA GLU A 54 3.51 -7.96 24.54
C GLU A 54 3.46 -7.08 23.28
N VAL A 55 2.28 -6.54 22.95
CA VAL A 55 2.16 -5.73 21.75
C VAL A 55 2.74 -4.35 22.00
N GLN A 56 2.60 -3.84 23.22
CA GLN A 56 3.25 -2.57 23.55
C GLN A 56 4.77 -2.69 23.53
N GLU A 57 5.29 -3.83 24.00
CA GLU A 57 6.73 -4.12 23.86
C GLU A 57 7.11 -4.21 22.37
N ALA A 58 6.30 -4.92 21.60
CA ALA A 58 6.51 -5.08 20.17
C ALA A 58 6.51 -3.77 19.40
N PHE A 59 5.62 -2.84 19.74
CA PHE A 59 5.69 -1.49 19.16
C PHE A 59 7.06 -0.89 19.41
N LEU A 60 7.49 -0.93 20.66
CA LEU A 60 8.74 -0.31 21.08
C LEU A 60 9.98 -0.93 20.43
N THR A 61 10.05 -2.26 20.43
CA THR A 61 11.18 -2.94 19.80
C THR A 61 11.30 -2.41 18.35
N LEU A 62 10.20 -2.55 17.60
CA LEU A 62 10.05 -1.98 16.24
C LEU A 62 10.45 -0.52 16.14
N HIS A 63 9.90 0.34 16.99
CA HIS A 63 10.27 1.76 16.93
C HIS A 63 11.77 1.90 17.14
N LYS A 64 12.29 1.20 18.14
CA LYS A 64 13.69 1.36 18.54
C LYS A 64 14.62 1.00 17.39
N HIS A 65 14.25 -0.03 16.65
CA HIS A 65 14.98 -0.45 15.46
C HIS A 65 14.78 0.47 14.22
N GLY A 66 14.05 1.59 14.36
CA GLY A 66 13.68 2.46 13.24
C GLY A 66 13.01 1.76 12.05
N CYS A 67 12.06 0.86 12.31
CA CYS A 67 11.35 0.19 11.23
C CYS A 67 10.19 0.98 10.63
N LEU A 68 9.78 2.06 11.30
CA LEU A 68 8.60 2.80 10.91
C LEU A 68 8.92 4.11 10.19
N PHE A 69 8.67 4.14 8.89
CA PHE A 69 9.10 5.23 8.04
C PHE A 69 7.91 6.04 7.60
N ARG A 70 8.12 7.35 7.46
CA ARG A 70 7.17 8.19 6.79
C ARG A 70 7.17 7.69 5.35
N ASP A 71 6.08 7.91 4.61
CA ASP A 71 6.02 7.49 3.21
C ASP A 71 5.93 8.71 2.36
N LEU A 72 6.64 8.66 1.23
CA LEU A 72 6.65 9.75 0.28
C LEU A 72 5.58 9.49 -0.76
N VAL A 73 4.35 9.75 -0.35
CA VAL A 73 3.19 9.65 -1.20
C VAL A 73 3.24 10.63 -2.35
N ARG A 74 2.44 10.34 -3.37
CA ARG A 74 2.25 11.20 -4.53
C ARG A 74 0.76 11.29 -4.75
N ILE A 75 0.10 12.04 -3.87
CA ILE A 75 -1.36 12.26 -3.87
C ILE A 75 -1.74 13.46 -4.74
N GLN A 76 -2.74 13.24 -5.59
CA GLN A 76 -3.47 14.26 -6.33
C GLN A 76 -2.56 15.27 -7.01
N GLY A 77 -1.53 14.75 -7.70
CA GLY A 77 -0.61 15.58 -8.46
C GLY A 77 0.70 15.91 -7.74
N LYS A 78 0.68 16.00 -6.40
CA LYS A 78 1.78 16.59 -5.62
C LYS A 78 2.45 15.56 -4.74
N ASP A 79 3.77 15.60 -4.62
CA ASP A 79 4.50 14.73 -3.67
C ASP A 79 4.37 15.20 -2.22
N LEU A 80 4.05 14.28 -1.31
CA LEU A 80 3.87 14.61 0.11
C LEU A 80 4.47 13.54 0.99
N LEU A 81 5.07 13.94 2.11
CA LEU A 81 5.54 13.00 3.10
C LEU A 81 4.45 12.89 4.11
N THR A 82 4.17 11.69 4.57
CA THR A 82 3.09 11.51 5.53
C THR A 82 3.60 11.83 6.93
N PRO A 83 2.90 12.71 7.68
CA PRO A 83 3.16 12.91 9.12
C PRO A 83 3.35 11.59 9.88
N VAL A 84 2.46 10.67 9.62
CA VAL A 84 2.47 9.40 10.29
C VAL A 84 3.49 8.52 9.59
N SER A 85 4.32 7.89 10.39
CA SER A 85 5.27 6.94 9.92
C SER A 85 4.69 5.56 10.23
N ARG A 86 5.00 4.59 9.38
CA ARG A 86 4.27 3.33 9.37
C ARG A 86 5.12 2.18 8.88
N ILE A 87 4.68 0.97 9.20
CA ILE A 87 5.21 -0.24 8.62
C ILE A 87 4.04 -1.15 8.41
N LEU A 88 4.08 -1.95 7.34
CA LEU A 88 3.09 -2.97 7.11
C LEU A 88 3.69 -4.30 7.47
N ILE A 89 2.98 -5.06 8.29
CA ILE A 89 3.32 -6.43 8.65
C ILE A 89 2.15 -7.32 8.24
N GLY A 90 2.44 -8.56 7.84
CA GLY A 90 1.39 -9.44 7.37
C GLY A 90 1.89 -10.67 6.65
N ASN A 91 1.01 -11.29 5.88
CA ASN A 91 1.31 -12.50 5.16
C ASN A 91 2.54 -12.36 4.29
N PRO A 92 3.30 -13.46 4.13
CA PRO A 92 4.44 -13.42 3.23
C PRO A 92 3.94 -13.38 1.83
N GLY A 93 4.49 -12.46 1.04
CA GLY A 93 4.01 -12.28 -0.33
C GLY A 93 2.91 -11.23 -0.54
N CYS A 94 2.25 -10.78 0.53
CA CYS A 94 1.09 -9.89 0.34
C CYS A 94 1.53 -8.46 0.18
N THR A 95 0.80 -7.71 -0.67
CA THR A 95 0.95 -6.25 -0.68
C THR A 95 -0.33 -5.48 -0.38
N TYR A 96 -0.14 -4.20 -0.05
CA TYR A 96 -1.24 -3.29 0.27
C TYR A 96 -0.94 -1.92 -0.26
N LYS A 97 -1.73 -1.52 -1.22
CA LYS A 97 -1.64 -0.25 -1.91
C LYS A 97 -2.38 0.90 -1.17
N TYR A 98 -1.64 1.93 -0.79
CA TYR A 98 -2.13 2.99 0.07
C TYR A 98 -1.64 4.31 -0.53
N LEU A 99 -2.56 5.11 -1.07
CA LEU A 99 -2.19 6.40 -1.75
C LEU A 99 -1.10 6.20 -2.80
N ASN A 100 -1.40 5.32 -3.75
CA ASN A 100 -0.52 5.01 -4.86
C ASN A 100 0.81 4.37 -4.51
N THR A 101 1.15 4.22 -3.23
CA THR A 101 2.33 3.50 -2.84
C THR A 101 1.94 2.06 -2.50
N ARG A 102 2.76 1.09 -2.91
CA ARG A 102 2.49 -0.30 -2.60
C ARG A 102 3.46 -0.70 -1.53
N LEU A 103 2.93 -0.90 -0.33
CA LEU A 103 3.70 -1.38 0.80
C LEU A 103 3.77 -2.89 0.71
N PHE A 104 4.93 -3.41 1.06
CA PHE A 104 5.16 -4.85 1.00
C PHE A 104 5.23 -5.36 2.41
N THR A 105 4.72 -6.58 2.64
CA THR A 105 4.68 -7.10 4.01
C THR A 105 6.05 -7.44 4.52
N VAL A 106 6.46 -6.88 5.68
CA VAL A 106 7.43 -7.61 6.52
C VAL A 106 6.61 -8.76 7.07
N PRO A 107 7.10 -9.99 6.96
CA PRO A 107 6.16 -11.10 7.05
C PRO A 107 5.99 -11.61 8.48
N TRP A 108 4.84 -12.23 8.75
CA TRP A 108 4.60 -12.93 10.04
C TRP A 108 4.53 -14.48 9.86
N PRO A 109 4.77 -15.28 10.94
CA PRO A 109 4.80 -16.74 10.82
C PRO A 109 3.46 -17.40 10.65
N VAL A 110 2.83 -17.21 9.50
CA VAL A 110 1.76 -18.09 9.09
C VAL A 110 2.47 -19.41 8.76
N LYS A 111 1.80 -20.54 8.99
CA LYS A 111 2.39 -21.87 8.74
C LYS A 111 2.04 -22.30 7.33
N GLU A 119 16.60 -8.01 13.89
CA GLU A 119 16.67 -9.22 13.08
C GLU A 119 15.81 -10.36 13.59
N ALA A 120 15.92 -10.68 14.89
CA ALA A 120 15.11 -11.75 15.57
C ALA A 120 14.14 -11.22 16.64
N GLU A 121 14.50 -10.11 17.30
CA GLU A 121 13.53 -9.26 18.02
C GLU A 121 12.33 -8.88 17.11
N ILE A 122 12.66 -8.45 15.89
CA ILE A 122 11.71 -8.10 14.85
C ILE A 122 10.78 -9.25 14.50
N ALA A 123 11.35 -10.43 14.25
CA ALA A 123 10.55 -11.62 14.00
C ALA A 123 9.62 -11.94 15.18
N ALA A 124 10.05 -11.63 16.41
CA ALA A 124 9.21 -11.76 17.62
C ALA A 124 8.00 -10.83 17.60
N ALA A 125 8.23 -9.57 17.21
CA ALA A 125 7.14 -8.61 17.08
C ALA A 125 6.15 -9.06 15.99
N CYS A 126 6.65 -9.45 14.84
CA CYS A 126 5.78 -9.97 13.78
C CYS A 126 4.90 -11.11 14.30
N GLU A 127 5.48 -11.98 15.14
CA GLU A 127 4.74 -13.04 15.80
C GLU A 127 3.63 -12.44 16.62
N THR A 128 4.01 -11.66 17.61
CA THR A 128 3.07 -10.91 18.45
C THR A 128 1.81 -10.45 17.64
N PHE A 129 2.08 -9.66 16.62
CA PHE A 129 1.05 -9.07 15.80
C PHE A 129 0.21 -10.07 15.04
N LEU A 130 0.77 -11.25 14.72
CA LEU A 130 -0.04 -12.38 14.31
C LEU A 130 -0.99 -12.81 15.41
N LYS A 131 -0.48 -12.93 16.63
CA LYS A 131 -1.30 -13.35 17.77
C LYS A 131 -2.41 -12.32 17.94
N LEU A 132 -1.97 -11.06 17.96
CA LEU A 132 -2.91 -9.95 17.99
C LEU A 132 -3.91 -10.14 16.89
N ASN A 133 -3.42 -10.31 15.65
CA ASN A 133 -4.30 -10.55 14.51
C ASN A 133 -5.38 -11.61 14.78
N ASP A 134 -4.95 -12.78 15.25
CA ASP A 134 -5.85 -13.94 15.43
C ASP A 134 -6.92 -13.69 16.46
N TYR A 135 -6.53 -13.00 17.54
CA TYR A 135 -7.42 -12.60 18.62
C TYR A 135 -8.56 -11.72 18.14
N LEU A 136 -8.20 -10.64 17.46
CA LEU A 136 -9.14 -9.68 16.91
C LEU A 136 -10.05 -10.35 15.92
N GLN A 137 -9.45 -11.26 15.16
CA GLN A 137 -10.17 -11.97 14.14
C GLN A 137 -11.33 -12.67 14.82
N ILE A 138 -11.05 -13.32 15.94
CA ILE A 138 -12.09 -13.95 16.76
C ILE A 138 -13.16 -12.91 17.16
N GLU A 139 -12.73 -11.87 17.87
CA GLU A 139 -13.63 -10.76 18.30
C GLU A 139 -14.51 -10.23 17.17
N THR A 140 -13.91 -10.13 16.00
CA THR A 140 -14.61 -9.62 14.84
C THR A 140 -15.72 -10.59 14.39
N ILE A 141 -15.35 -11.87 14.20
CA ILE A 141 -16.30 -12.95 13.83
C ILE A 141 -17.53 -12.87 14.74
N GLN A 142 -17.23 -12.79 16.04
CA GLN A 142 -18.19 -12.76 17.13
C GLN A 142 -19.17 -11.63 16.93
N ALA A 143 -18.63 -10.42 16.81
CA ALA A 143 -19.46 -9.24 16.70
C ALA A 143 -20.25 -9.25 15.41
N LEU A 144 -19.68 -9.85 14.37
CA LEU A 144 -20.34 -9.91 13.06
C LEU A 144 -21.52 -10.87 13.11
N GLU A 145 -21.41 -11.90 13.94
CA GLU A 145 -22.52 -12.80 14.21
C GLU A 145 -23.59 -12.02 14.98
N GLU A 146 -23.23 -11.60 16.20
CA GLU A 146 -24.08 -10.71 17.01
C GLU A 146 -24.73 -9.56 16.22
N LEU A 147 -24.14 -9.19 15.09
CA LEU A 147 -24.66 -8.12 14.25
C LEU A 147 -25.80 -8.59 13.33
N ALA A 148 -25.51 -9.55 12.45
CA ALA A 148 -26.51 -10.08 11.49
C ALA A 148 -27.77 -10.55 12.25
N ALA A 149 -27.53 -11.18 13.42
CA ALA A 149 -28.56 -11.54 14.40
C ALA A 149 -29.73 -10.57 14.41
N ASP A 157 -19.30 -14.25 2.93
CA ASP A 157 -19.75 -13.65 4.18
C ASP A 157 -18.66 -13.66 5.26
N ILE A 158 -18.96 -14.17 6.46
CA ILE A 158 -18.33 -13.66 7.67
C ILE A 158 -16.86 -14.01 7.79
N LYS A 159 -16.55 -15.30 7.88
CA LYS A 159 -15.17 -15.82 8.02
C LYS A 159 -14.15 -15.03 7.19
N SER A 160 -14.51 -14.82 5.92
CA SER A 160 -13.65 -14.18 4.95
C SER A 160 -13.49 -12.70 5.23
N ARG A 161 -14.60 -12.03 5.49
CA ARG A 161 -14.62 -10.61 5.84
C ARG A 161 -13.92 -10.26 7.16
N ALA A 162 -13.53 -11.24 7.96
CA ALA A 162 -12.61 -11.00 9.09
C ALA A 162 -11.28 -11.72 8.90
N ALA A 163 -11.02 -12.21 7.69
CA ALA A 163 -9.79 -12.96 7.40
C ALA A 163 -8.61 -11.99 7.19
N TYR A 164 -8.19 -11.35 8.29
CA TYR A 164 -7.22 -10.29 8.20
C TYR A 164 -5.89 -10.84 7.68
N ASN A 165 -5.43 -10.33 6.54
CA ASN A 165 -4.14 -10.78 5.95
C ASN A 165 -2.95 -9.88 6.29
N VAL A 166 -3.21 -8.71 6.85
CA VAL A 166 -2.16 -7.71 7.08
C VAL A 166 -2.52 -6.81 8.25
N THR A 167 -1.55 -6.04 8.72
CA THR A 167 -1.84 -4.88 9.53
C THR A 167 -0.85 -3.78 9.22
N LEU A 168 -1.34 -2.55 9.23
CA LEU A 168 -0.56 -1.38 8.99
C LEU A 168 -0.40 -0.70 10.34
N LEU A 169 0.84 -0.66 10.82
CA LEU A 169 1.17 0.00 12.08
C LEU A 169 1.50 1.46 11.84
N ASN A 170 1.26 2.32 12.83
CA ASN A 170 1.45 3.78 12.68
C ASN A 170 2.08 4.38 13.88
N PHE A 171 2.81 5.47 13.69
CA PHE A 171 3.35 6.27 14.80
C PHE A 171 3.27 7.77 14.50
N MET A 172 3.03 8.60 15.51
CA MET A 172 3.00 10.06 15.33
C MET A 172 3.27 10.80 16.64
N ASP A 173 3.85 12.03 16.52
CA ASP A 173 4.29 12.90 17.63
C ASP A 173 5.52 12.24 18.27
N PRO A 174 6.31 12.88 19.14
CA PRO A 174 5.94 14.06 19.96
C PRO A 174 5.95 15.44 19.27
N GLN A 175 4.79 16.10 19.28
CA GLN A 175 4.54 17.45 18.71
C GLN A 175 5.51 17.92 17.62
N LYS A 176 5.95 16.96 16.79
CA LYS A 176 6.94 17.21 15.75
C LYS A 176 6.31 18.00 14.63
N MET A 177 4.98 18.06 14.57
CA MET A 177 4.30 18.88 13.58
C MET A 177 4.25 20.33 14.02
N PRO A 178 4.98 21.22 13.31
CA PRO A 178 5.15 22.64 13.76
C PRO A 178 3.84 23.44 13.94
N TYR A 179 2.88 23.16 13.06
CA TYR A 179 1.49 23.54 13.23
C TYR A 179 0.68 22.42 12.59
N LEU A 180 -0.34 21.90 13.29
CA LEU A 180 -1.18 20.80 12.78
C LEU A 180 -2.53 21.23 12.30
N LYS A 181 -3.05 20.48 11.32
CA LYS A 181 -4.30 20.82 10.65
C LYS A 181 -5.55 20.72 11.56
N GLU A 182 -6.37 21.77 11.53
CA GLU A 182 -7.66 21.79 12.18
C GLU A 182 -8.75 20.97 11.44
N GLU A 183 -9.44 20.09 12.18
CA GLU A 183 -10.66 19.48 11.67
C GLU A 183 -11.67 20.58 11.20
N PRO A 184 -12.03 20.54 9.91
CA PRO A 184 -12.74 21.68 9.35
C PRO A 184 -14.23 21.73 9.46
N TYR A 185 -14.88 20.66 9.92
CA TYR A 185 -16.35 20.59 9.85
C TYR A 185 -17.10 20.59 11.14
N PHE A 186 -16.53 19.98 12.18
CA PHE A 186 -17.17 19.80 13.49
C PHE A 186 -16.36 20.40 14.66
N GLY A 187 -15.30 21.13 14.34
CA GLY A 187 -14.48 21.75 15.36
C GLY A 187 -13.99 20.74 16.36
N MET A 188 -13.46 19.64 15.84
CA MET A 188 -12.84 18.61 16.64
C MET A 188 -11.39 18.95 16.94
N GLY A 189 -10.87 20.04 16.39
CA GLY A 189 -9.50 20.42 16.66
C GLY A 189 -8.50 19.65 15.82
N LYS A 190 -7.33 19.41 16.38
CA LYS A 190 -6.16 19.04 15.59
C LYS A 190 -6.22 17.59 15.15
N MET A 191 -5.87 17.30 13.90
CA MET A 191 -5.82 15.90 13.46
C MET A 191 -4.50 15.43 12.93
N ALA A 192 -4.24 14.16 13.24
CA ALA A 192 -3.11 13.42 12.74
C ALA A 192 -3.34 13.00 11.32
N VAL A 193 -4.56 12.53 11.04
CA VAL A 193 -4.95 11.97 9.74
C VAL A 193 -6.30 12.51 9.36
N SER A 194 -6.43 13.10 8.21
CA SER A 194 -7.69 13.76 7.90
C SER A 194 -8.72 12.71 7.54
N TRP A 195 -9.96 13.16 7.46
CA TRP A 195 -11.07 12.31 7.02
C TRP A 195 -10.72 11.52 5.77
N HIS A 196 -10.99 10.21 5.79
CA HIS A 196 -10.87 9.41 4.58
C HIS A 196 -11.63 8.08 4.72
N HIS A 197 -11.61 7.28 3.66
CA HIS A 197 -11.93 5.84 3.75
C HIS A 197 -10.65 5.03 3.70
N ASP A 198 -10.55 3.97 4.47
CA ASP A 198 -9.46 3.01 4.26
C ASP A 198 -9.79 2.21 3.01
N GLU A 199 -8.90 2.31 2.03
CA GLU A 199 -9.21 1.88 0.69
C GLU A 199 -8.53 0.54 0.39
N ASN A 200 -8.81 0.02 -0.81
CA ASN A 200 -8.22 -1.22 -1.34
C ASN A 200 -8.36 -2.42 -0.38
N LEU A 201 -9.60 -2.60 0.06
CA LEU A 201 -9.97 -3.68 0.97
C LEU A 201 -11.04 -4.50 0.31
N VAL A 202 -11.22 -5.68 0.85
CA VAL A 202 -12.23 -6.55 0.31
C VAL A 202 -13.58 -5.88 0.64
N ASP A 203 -14.47 -5.96 -0.35
CA ASP A 203 -15.80 -5.41 -0.20
C ASP A 203 -16.47 -5.85 1.09
N ARG A 204 -17.26 -4.94 1.67
CA ARG A 204 -17.91 -5.15 2.95
C ARG A 204 -17.04 -5.77 4.03
N SER A 205 -15.72 -5.59 3.95
CA SER A 205 -14.80 -6.22 4.95
C SER A 205 -14.55 -5.34 6.16
N ALA A 206 -14.10 -5.99 7.22
CA ALA A 206 -13.95 -5.30 8.50
C ALA A 206 -12.54 -4.83 8.65
N VAL A 207 -12.38 -3.98 9.67
CA VAL A 207 -11.09 -3.45 10.08
C VAL A 207 -11.10 -3.41 11.60
N ALA A 208 -10.01 -3.86 12.23
CA ALA A 208 -9.85 -3.83 13.68
C ALA A 208 -8.61 -3.05 14.06
N VAL A 209 -8.64 -2.33 15.17
CA VAL A 209 -7.59 -1.39 15.45
C VAL A 209 -7.19 -1.37 16.91
N TYR A 210 -5.95 -1.66 17.22
CA TYR A 210 -5.50 -1.59 18.59
C TYR A 210 -4.84 -0.26 18.75
N SER A 211 -5.38 0.61 19.61
CA SER A 211 -4.71 1.92 19.92
C SER A 211 -3.84 1.81 21.17
N TYR A 212 -2.57 2.17 21.00
CA TYR A 212 -1.63 2.31 22.10
C TYR A 212 -1.22 3.79 22.16
N SER A 213 -1.97 4.53 22.96
CA SER A 213 -1.51 5.81 23.44
C SER A 213 -0.47 5.45 24.50
N CYS A 214 0.65 6.12 24.46
CA CYS A 214 1.57 6.13 25.57
C CYS A 214 1.35 7.50 26.19
N GLU A 215 1.66 7.59 27.49
CA GLU A 215 1.48 8.84 28.23
C GLU A 215 2.62 8.99 29.24
N GLY A 229 -16.58 20.08 24.60
CA GLY A 229 -15.72 19.63 23.52
C GLY A 229 -14.77 18.50 23.91
N ARG A 230 -14.07 17.96 22.93
CA ARG A 230 -13.14 16.87 23.16
C ARG A 230 -11.89 17.34 23.89
N ASP A 231 -11.38 16.46 24.74
CA ASP A 231 -10.14 16.71 25.41
C ASP A 231 -9.01 16.75 24.35
N PRO A 232 -8.36 17.91 24.19
CA PRO A 232 -7.30 18.01 23.19
C PRO A 232 -6.09 17.13 23.51
N ASP A 233 -5.85 16.86 24.79
CA ASP A 233 -4.71 16.04 25.21
C ASP A 233 -4.90 14.53 24.93
N ILE A 234 -6.11 14.11 24.55
CA ILE A 234 -6.37 12.69 24.37
C ILE A 234 -6.65 12.37 22.90
N TRP A 235 -6.16 11.22 22.46
CA TRP A 235 -6.39 10.79 21.09
C TRP A 235 -7.79 10.24 20.97
N HIS A 236 -8.43 10.57 19.85
CA HIS A 236 -9.75 10.09 19.49
C HIS A 236 -9.73 9.64 18.03
N VAL A 237 -10.55 8.64 17.72
CA VAL A 237 -10.99 8.40 16.36
C VAL A 237 -12.25 9.20 16.12
N GLY A 238 -12.35 9.78 14.94
CA GLY A 238 -13.48 10.66 14.57
C GLY A 238 -14.29 9.93 13.54
N PHE A 239 -15.61 10.16 13.55
CA PHE A 239 -16.50 9.54 12.55
C PHE A 239 -17.51 10.51 12.06
N LYS A 240 -17.69 10.50 10.75
CA LYS A 240 -18.82 11.14 10.09
C LYS A 240 -19.44 10.22 9.00
N ILE A 241 -20.71 10.48 8.72
CA ILE A 241 -21.37 9.94 7.54
C ILE A 241 -20.76 10.65 6.35
N SER A 242 -20.49 9.90 5.31
CA SER A 242 -19.96 10.46 4.08
C SER A 242 -20.91 11.52 3.45
N TRP A 243 -20.34 12.53 2.79
CA TRP A 243 -21.10 13.68 2.23
C TRP A 243 -21.74 14.60 3.25
N ASP A 244 -21.97 14.10 4.46
CA ASP A 244 -22.83 14.67 5.48
C ASP A 244 -21.93 15.38 6.46
N ILE A 245 -22.19 16.67 6.56
CA ILE A 245 -21.35 17.62 7.25
C ILE A 245 -22.16 18.22 8.40
N GLU A 246 -23.46 17.98 8.45
CA GLU A 246 -24.30 18.63 9.41
C GLU A 246 -24.99 17.72 10.40
N THR A 247 -25.03 16.43 10.17
CA THR A 247 -25.20 15.49 11.26
C THR A 247 -23.92 15.58 12.08
N PRO A 248 -24.04 15.90 13.36
CA PRO A 248 -22.79 16.06 14.06
C PRO A 248 -22.02 14.76 14.08
N GLY A 249 -20.70 14.88 14.04
CA GLY A 249 -19.83 13.73 14.01
C GLY A 249 -19.54 13.25 15.39
N LEU A 250 -18.85 12.13 15.46
CA LEU A 250 -18.64 11.41 16.71
C LEU A 250 -17.16 11.37 16.91
N ALA A 251 -16.72 11.52 18.14
CA ALA A 251 -15.29 11.56 18.46
C ALA A 251 -15.08 10.69 19.69
N ILE A 252 -14.52 9.50 19.47
CA ILE A 252 -14.40 8.48 20.48
C ILE A 252 -13.03 8.58 21.13
N PRO A 253 -12.96 8.89 22.45
CA PRO A 253 -11.64 8.87 23.08
C PRO A 253 -11.01 7.50 23.03
N LEU A 254 -9.70 7.48 22.85
CA LEU A 254 -8.94 6.25 22.82
C LEU A 254 -7.88 6.40 23.88
N HIS A 255 -7.93 5.49 24.84
CA HIS A 255 -6.96 5.39 25.90
C HIS A 255 -6.14 4.15 25.64
N GLN A 256 -4.99 4.08 26.30
CA GLN A 256 -4.06 2.99 26.11
C GLN A 256 -4.71 1.62 26.11
N GLY A 257 -4.64 0.92 24.97
CA GLY A 257 -5.13 -0.45 24.84
C GLY A 257 -6.54 -0.59 24.30
N ASP A 258 -7.25 0.52 24.09
CA ASP A 258 -8.61 0.41 23.60
C ASP A 258 -8.58 -0.09 22.17
N CYS A 259 -9.70 -0.66 21.74
CA CYS A 259 -9.85 -1.27 20.41
C CYS A 259 -11.17 -0.94 19.77
N TYR A 260 -11.15 -0.57 18.50
CA TYR A 260 -12.37 -0.37 17.79
C TYR A 260 -12.43 -1.18 16.51
N PHE A 261 -13.63 -1.25 15.96
CA PHE A 261 -13.93 -2.15 14.89
C PHE A 261 -14.85 -1.45 13.93
N MET A 262 -14.50 -1.48 12.65
CA MET A 262 -15.42 -1.05 11.64
C MET A 262 -15.95 -2.29 10.97
N LEU A 263 -17.25 -2.57 11.20
CA LEU A 263 -17.89 -3.74 10.67
C LEU A 263 -18.62 -3.44 9.38
N ASP A 264 -18.50 -4.38 8.44
CA ASP A 264 -19.40 -4.50 7.31
C ASP A 264 -19.19 -3.26 6.42
N ASP A 265 -20.26 -2.56 6.01
CA ASP A 265 -20.11 -1.44 5.07
C ASP A 265 -19.80 -0.11 5.75
N LEU A 266 -19.48 -0.14 7.04
CA LEU A 266 -19.25 1.09 7.79
C LEU A 266 -18.20 1.97 7.14
N ASN A 267 -17.04 1.37 6.88
CA ASN A 267 -15.94 2.08 6.26
C ASN A 267 -16.29 2.71 4.92
N ALA A 268 -17.23 2.14 4.20
CA ALA A 268 -17.69 2.73 2.96
C ALA A 268 -18.73 3.80 3.19
N THR A 269 -19.63 3.57 4.13
CA THR A 269 -20.73 4.49 4.35
C THR A 269 -20.25 5.70 5.09
N HIS A 270 -19.20 5.52 5.86
CA HIS A 270 -18.70 6.59 6.69
C HIS A 270 -17.27 6.88 6.42
N GLN A 271 -16.88 8.08 6.84
CA GLN A 271 -15.48 8.47 6.88
C GLN A 271 -14.96 8.48 8.30
N HIS A 272 -13.66 8.26 8.44
CA HIS A 272 -12.99 8.51 9.71
C HIS A 272 -11.66 9.26 9.55
N CYS A 273 -11.30 9.91 10.65
CA CYS A 273 -10.07 10.64 10.78
C CYS A 273 -9.51 10.30 12.16
N VAL A 274 -8.31 10.79 12.44
CA VAL A 274 -7.72 10.64 13.74
C VAL A 274 -7.42 12.01 14.32
N LEU A 275 -7.95 12.27 15.49
CA LEU A 275 -7.66 13.49 16.17
C LEU A 275 -6.44 13.20 17.06
N ALA A 276 -5.51 14.15 17.13
CA ALA A 276 -4.26 13.96 17.88
C ALA A 276 -4.39 14.33 19.34
N GLY A 277 -3.44 13.82 20.12
CA GLY A 277 -3.40 14.06 21.55
C GLY A 277 -2.30 15.05 21.87
N SER A 278 -1.75 14.92 23.07
CA SER A 278 -0.60 15.71 23.50
C SER A 278 0.65 14.84 23.45
N GLN A 279 0.50 13.56 23.80
CA GLN A 279 1.59 12.57 23.80
C GLN A 279 1.63 11.89 22.41
N PRO A 280 2.52 10.91 22.20
CA PRO A 280 2.48 10.20 20.93
C PRO A 280 1.54 9.02 21.02
N ARG A 281 1.35 8.33 19.88
CA ARG A 281 0.53 7.13 19.83
C ARG A 281 0.99 6.12 18.77
N PHE A 282 0.85 4.83 19.10
CA PHE A 282 0.97 3.73 18.15
C PHE A 282 -0.42 3.19 17.81
N SER A 283 -0.57 2.57 16.64
CA SER A 283 -1.78 1.79 16.32
C SER A 283 -1.50 0.65 15.36
N SER A 284 -2.26 -0.44 15.52
CA SER A 284 -2.18 -1.60 14.64
C SER A 284 -3.56 -1.78 14.02
N THR A 285 -3.65 -1.67 12.71
CA THR A 285 -4.94 -1.58 12.05
C THR A 285 -5.06 -2.72 11.07
N HIS A 286 -5.78 -3.75 11.48
CA HIS A 286 -5.77 -5.01 10.79
C HIS A 286 -6.83 -4.95 9.70
N ARG A 287 -6.42 -5.34 8.51
CA ARG A 287 -7.24 -5.23 7.35
C ARG A 287 -7.25 -6.53 6.55
N VAL A 288 -8.22 -6.59 5.65
CA VAL A 288 -8.31 -7.61 4.63
C VAL A 288 -8.06 -6.90 3.31
N ALA A 289 -6.80 -6.82 2.89
CA ALA A 289 -6.48 -6.18 1.60
C ALA A 289 -6.99 -7.03 0.47
N GLU A 290 -7.52 -6.41 -0.57
CA GLU A 290 -7.88 -7.13 -1.77
C GLU A 290 -6.56 -7.28 -2.55
N CYS A 291 -5.99 -8.46 -2.44
CA CYS A 291 -4.69 -8.75 -3.02
C CYS A 291 -4.81 -9.75 -4.19
N SER A 292 -5.97 -9.81 -4.85
CA SER A 292 -5.96 -10.26 -6.24
C SER A 292 -5.04 -9.21 -6.87
N THR A 293 -4.22 -9.61 -7.81
CA THR A 293 -3.20 -8.69 -8.37
C THR A 293 -2.18 -8.06 -7.40
N GLY A 294 -2.11 -8.50 -6.15
CA GLY A 294 -1.22 -7.85 -5.17
C GLY A 294 -0.43 -8.77 -4.26
N THR A 295 -0.12 -9.96 -4.81
CA THR A 295 0.83 -10.89 -4.21
C THR A 295 1.93 -11.37 -5.16
N LEU A 296 3.02 -11.80 -4.56
CA LEU A 296 4.13 -12.34 -5.30
C LEU A 296 3.70 -13.44 -6.31
N ASP A 297 2.86 -14.37 -5.88
CA ASP A 297 2.58 -15.55 -6.68
C ASP A 297 1.78 -15.14 -7.87
N TYR A 298 0.89 -14.18 -7.64
CA TYR A 298 0.15 -13.59 -8.74
C TYR A 298 1.11 -13.01 -9.79
N ILE A 299 2.01 -12.14 -9.34
CA ILE A 299 2.86 -11.42 -10.27
C ILE A 299 3.86 -12.39 -10.92
N LEU A 300 4.43 -13.31 -10.13
CA LEU A 300 5.18 -14.42 -10.69
C LEU A 300 4.43 -15.13 -11.82
N GLN A 301 3.22 -15.62 -11.61
CA GLN A 301 2.46 -16.24 -12.72
C GLN A 301 2.36 -15.35 -13.95
N ARG A 302 2.07 -14.08 -13.74
CA ARG A 302 1.89 -13.17 -14.84
C ARG A 302 3.15 -13.14 -15.70
N CYS A 303 4.31 -13.17 -15.04
CA CYS A 303 5.57 -13.15 -15.75
C CYS A 303 5.72 -14.43 -16.57
N GLN A 304 5.56 -15.58 -15.94
CA GLN A 304 5.59 -16.86 -16.64
C GLN A 304 4.61 -16.84 -17.81
N LEU A 305 3.42 -16.27 -17.63
CA LEU A 305 2.45 -16.21 -18.73
C LEU A 305 3.02 -15.44 -19.91
N ALA A 306 3.76 -14.38 -19.62
CA ALA A 306 4.35 -13.58 -20.67
C ALA A 306 5.52 -14.27 -21.37
N LEU A 307 6.30 -15.03 -20.62
CA LEU A 307 7.47 -15.73 -21.15
C LEU A 307 7.11 -17.06 -21.77
N GLN A 308 5.83 -17.34 -21.92
CA GLN A 308 5.41 -18.41 -22.77
C GLN A 308 5.59 -18.06 -24.23
N ASN A 309 5.72 -16.79 -24.58
CA ASN A 309 5.87 -16.44 -26.00
C ASN A 309 7.34 -16.38 -26.41
N VAL A 310 8.24 -16.81 -25.51
CA VAL A 310 9.65 -16.91 -25.83
C VAL A 310 10.13 -18.38 -25.85
N CYS A 311 10.92 -18.73 -26.87
CA CYS A 311 11.67 -19.99 -26.96
C CYS A 311 12.66 -20.00 -25.82
N ASP A 312 12.53 -20.97 -24.92
CA ASP A 312 13.05 -20.87 -23.55
C ASP A 312 14.07 -21.95 -23.22
N ASP A 313 14.78 -22.41 -24.25
CA ASP A 313 15.91 -23.34 -24.11
C ASP A 313 17.03 -22.76 -23.29
N VAL A 314 17.38 -21.51 -23.56
CA VAL A 314 18.57 -20.96 -22.91
C VAL A 314 18.40 -19.49 -22.58
N ASP A 315 18.83 -19.13 -21.39
CA ASP A 315 18.93 -17.73 -20.97
C ASP A 315 20.08 -16.93 -21.62
N ASN A 316 19.86 -16.41 -22.82
CA ASN A 316 20.82 -15.52 -23.47
C ASN A 316 20.13 -14.28 -24.13
N ASP A 317 20.88 -13.52 -24.93
CA ASP A 317 20.35 -12.29 -25.50
C ASP A 317 19.68 -12.47 -26.89
N ASP A 318 19.83 -13.64 -27.53
CA ASP A 318 18.96 -14.03 -28.68
C ASP A 318 17.58 -14.38 -28.16
N VAL A 319 16.75 -13.37 -28.04
CA VAL A 319 15.38 -13.52 -27.61
C VAL A 319 14.51 -13.66 -28.86
N SER A 320 13.99 -14.86 -29.09
CA SER A 320 13.03 -15.05 -30.16
C SER A 320 11.67 -15.50 -29.62
N LEU A 321 10.64 -15.26 -30.43
CA LEU A 321 9.27 -15.36 -29.97
C LEU A 321 8.44 -16.31 -30.81
N LYS A 322 7.45 -16.90 -30.15
CA LYS A 322 6.68 -17.95 -30.76
C LYS A 322 5.59 -17.38 -31.63
N SER A 323 5.00 -16.25 -31.25
CA SER A 323 4.13 -15.54 -32.18
C SER A 323 4.21 -14.02 -32.10
N PHE A 324 3.54 -13.42 -33.08
CA PHE A 324 3.32 -11.99 -33.11
C PHE A 324 1.84 -11.71 -33.45
N GLU A 325 0.95 -12.56 -32.94
CA GLU A 325 -0.48 -12.27 -33.01
C GLU A 325 -0.61 -11.15 -32.02
N PRO A 326 -1.01 -9.97 -32.49
CA PRO A 326 -0.96 -8.81 -31.61
C PRO A 326 -1.48 -9.07 -30.21
N ALA A 327 -2.62 -9.76 -30.09
CA ALA A 327 -3.22 -10.05 -28.76
C ALA A 327 -2.23 -10.60 -27.71
N VAL A 328 -1.33 -11.46 -28.16
CA VAL A 328 -0.28 -12.05 -27.32
C VAL A 328 0.80 -11.00 -27.00
N LEU A 329 1.07 -10.13 -27.95
CA LEU A 329 2.04 -9.06 -27.78
C LEU A 329 1.53 -7.90 -26.90
N LYS A 330 0.26 -7.54 -27.08
CA LYS A 330 -0.49 -6.74 -26.10
C LYS A 330 -0.14 -7.26 -24.73
N GLN A 331 -0.45 -8.54 -24.52
CA GLN A 331 -0.49 -9.10 -23.19
C GLN A 331 0.90 -9.05 -22.58
N GLY A 332 1.91 -9.35 -23.40
CA GLY A 332 3.27 -9.38 -22.91
C GLY A 332 3.79 -8.03 -22.48
N GLU A 333 3.50 -7.03 -23.31
CA GLU A 333 3.97 -5.67 -23.08
C GLU A 333 3.18 -5.05 -21.90
N GLU A 334 1.93 -5.44 -21.72
CA GLU A 334 1.19 -5.06 -20.53
C GLU A 334 1.80 -5.64 -19.27
N ILE A 335 2.18 -6.91 -19.34
CA ILE A 335 2.73 -7.57 -18.19
C ILE A 335 4.08 -6.91 -17.86
N HIS A 336 4.83 -6.59 -18.92
CA HIS A 336 6.12 -5.89 -18.82
C HIS A 336 5.95 -4.60 -18.00
N ASN A 337 4.98 -3.79 -18.39
CA ASN A 337 4.57 -2.65 -17.57
C ASN A 337 4.17 -3.10 -16.18
N GLU A 338 3.29 -4.07 -16.04
CA GLU A 338 2.79 -4.41 -14.68
C GLU A 338 3.92 -4.68 -13.66
N VAL A 339 4.77 -5.66 -13.94
CA VAL A 339 5.96 -5.92 -13.09
C VAL A 339 6.91 -4.72 -12.95
N GLU A 340 7.16 -3.98 -14.04
CA GLU A 340 8.08 -2.85 -13.95
C GLU A 340 7.63 -1.83 -12.93
N PHE A 341 6.41 -1.33 -13.11
CA PHE A 341 5.90 -0.13 -12.38
C PHE A 341 5.14 -0.40 -11.09
N GLU A 342 4.44 -1.52 -11.05
CA GLU A 342 3.61 -1.89 -9.90
C GLU A 342 4.44 -2.64 -8.84
N TRP A 343 5.58 -3.20 -9.23
CA TRP A 343 6.44 -3.95 -8.30
C TRP A 343 7.84 -3.36 -8.23
N LEU A 344 8.61 -3.36 -9.31
CA LEU A 344 10.00 -2.94 -9.21
C LEU A 344 10.15 -1.51 -8.80
N ARG A 345 9.62 -0.57 -9.58
CA ARG A 345 9.89 0.88 -9.31
C ARG A 345 9.34 1.28 -7.92
N GLN A 346 8.20 0.69 -7.61
CA GLN A 346 7.42 0.90 -6.40
C GLN A 346 8.15 0.33 -5.19
N PHE A 347 8.67 -0.90 -5.32
CA PHE A 347 9.56 -1.47 -4.30
C PHE A 347 10.80 -0.63 -4.03
N TRP A 348 11.51 -0.31 -5.10
CA TRP A 348 12.77 0.43 -5.00
C TRP A 348 12.63 1.91 -4.60
N PHE A 349 11.45 2.49 -4.79
CA PHE A 349 11.16 3.83 -4.29
C PHE A 349 11.24 3.86 -2.79
N GLN A 350 10.81 2.77 -2.17
CA GLN A 350 10.96 2.64 -0.73
C GLN A 350 12.43 2.38 -0.28
N GLY A 351 13.35 2.11 -1.21
CA GLY A 351 14.80 2.10 -0.95
C GLY A 351 15.28 1.17 0.16
N ASN A 352 16.39 1.53 0.77
CA ASN A 352 16.83 0.81 1.97
C ASN A 352 15.84 1.13 3.10
N ARG A 353 14.75 0.36 3.10
CA ARG A 353 13.72 0.42 4.12
C ARG A 353 13.44 -0.97 4.68
N TYR A 354 13.15 -1.87 3.76
CA TYR A 354 12.77 -3.23 4.09
C TYR A 354 13.96 -3.99 4.64
N ARG A 355 15.14 -3.78 4.08
CA ARG A 355 16.31 -4.53 4.53
C ARG A 355 16.61 -4.22 5.99
N LYS A 356 16.22 -3.04 6.46
CA LYS A 356 16.24 -2.70 7.89
C LYS A 356 15.27 -3.57 8.74
N CYS A 357 14.20 -4.04 8.12
CA CYS A 357 13.22 -4.90 8.75
C CYS A 357 13.46 -6.38 8.38
N THR A 358 13.64 -6.68 7.10
CA THR A 358 13.76 -8.07 6.64
C THR A 358 14.39 -8.19 5.24
N ASP A 359 15.05 -9.32 5.01
CA ASP A 359 15.58 -9.64 3.68
C ASP A 359 14.61 -10.45 2.80
N TRP A 360 13.38 -10.71 3.29
CA TRP A 360 12.34 -11.59 2.62
C TRP A 360 12.18 -11.38 1.11
N TRP A 361 12.14 -10.10 0.71
CA TRP A 361 11.84 -9.67 -0.65
C TRP A 361 13.07 -9.63 -1.58
N CYS A 362 14.26 -9.92 -1.05
CA CYS A 362 15.48 -9.78 -1.83
C CYS A 362 15.48 -10.77 -2.97
N GLN A 363 15.41 -12.06 -2.66
CA GLN A 363 15.41 -13.04 -3.74
C GLN A 363 14.24 -12.64 -4.65
N PRO A 364 13.03 -12.56 -4.10
CA PRO A 364 11.88 -12.36 -5.01
C PRO A 364 12.03 -11.14 -5.95
N MET A 365 12.52 -10.05 -5.39
CA MET A 365 12.65 -8.80 -6.15
C MET A 365 13.80 -8.83 -7.20
N ALA A 366 14.85 -9.59 -6.88
CA ALA A 366 15.94 -9.86 -7.84
C ALA A 366 15.41 -10.71 -8.97
N GLN A 367 14.57 -11.68 -8.61
CA GLN A 367 14.00 -12.53 -9.62
C GLN A 367 13.03 -11.80 -10.58
N LEU A 368 12.31 -10.83 -10.06
CA LEU A 368 11.38 -10.13 -10.91
C LEU A 368 12.17 -9.23 -11.83
N GLU A 369 13.30 -8.75 -11.32
CA GLU A 369 14.21 -7.96 -12.16
C GLU A 369 14.72 -8.77 -13.34
N ALA A 370 15.16 -10.01 -13.07
CA ALA A 370 15.61 -10.90 -14.14
C ALA A 370 14.47 -11.14 -15.10
N LEU A 371 13.31 -11.52 -14.55
CA LEU A 371 12.13 -11.71 -15.36
C LEU A 371 11.82 -10.51 -16.23
N TRP A 372 11.91 -9.33 -15.65
CA TRP A 372 11.67 -8.07 -16.39
C TRP A 372 12.74 -7.79 -17.45
N LYS A 373 14.00 -8.04 -17.12
CA LYS A 373 15.09 -7.86 -18.08
C LYS A 373 14.83 -8.63 -19.37
N LYS A 374 14.42 -9.88 -19.23
CA LYS A 374 14.03 -10.68 -20.37
C LYS A 374 12.89 -10.04 -21.16
N MET A 375 11.98 -9.36 -20.46
CA MET A 375 10.84 -8.71 -21.15
C MET A 375 11.28 -7.49 -21.95
N GLU A 376 12.39 -6.88 -21.57
CA GLU A 376 13.01 -5.85 -22.38
C GLU A 376 13.44 -6.56 -23.64
N GLY A 377 14.30 -7.58 -23.50
CA GLY A 377 14.57 -8.54 -24.58
C GLY A 377 13.44 -8.74 -25.58
N VAL A 378 12.21 -8.92 -25.10
CA VAL A 378 11.07 -9.21 -26.00
C VAL A 378 10.58 -7.96 -26.70
N THR A 379 10.55 -6.87 -25.98
CA THR A 379 10.24 -5.60 -26.57
C THR A 379 11.20 -5.47 -27.75
N ASN A 380 12.50 -5.46 -27.47
CA ASN A 380 13.51 -5.30 -28.52
C ASN A 380 13.24 -6.20 -29.70
N ALA A 381 13.01 -7.49 -29.39
CA ALA A 381 12.65 -8.47 -30.40
C ALA A 381 11.46 -8.00 -31.21
N VAL A 382 10.40 -7.55 -30.54
CA VAL A 382 9.21 -7.04 -31.24
C VAL A 382 9.55 -5.83 -32.11
N LEU A 383 10.50 -5.04 -31.67
CA LEU A 383 10.93 -3.92 -32.46
C LEU A 383 11.63 -4.47 -33.68
N HIS A 384 12.66 -5.30 -33.49
N HIS A 384 12.68 -5.30 -33.51
CA HIS A 384 13.39 -5.93 -34.58
CA HIS A 384 13.37 -5.91 -34.67
C HIS A 384 12.49 -6.60 -35.65
C HIS A 384 12.40 -6.47 -35.70
N GLU A 385 11.30 -7.08 -35.24
CA GLU A 385 10.33 -7.70 -36.19
C GLU A 385 9.45 -6.72 -36.98
N VAL A 386 9.15 -5.54 -36.43
CA VAL A 386 8.44 -4.50 -37.22
C VAL A 386 9.34 -3.86 -38.29
N LYS A 387 10.60 -3.63 -37.94
CA LYS A 387 11.59 -3.04 -38.83
C LYS A 387 12.37 -4.14 -39.58
N ARG A 388 11.60 -5.01 -40.23
CA ARG A 388 12.07 -6.25 -40.84
C ARG A 388 11.69 -6.21 -42.32
N GLU A 389 12.68 -6.53 -43.17
CA GLU A 389 12.62 -6.31 -44.63
C GLU A 389 11.36 -6.92 -45.25
N GLY A 390 11.14 -8.21 -44.98
CA GLY A 390 9.91 -8.90 -45.39
C GLY A 390 8.69 -8.40 -44.61
N LEU A 391 7.72 -9.29 -44.38
CA LEU A 391 6.53 -9.02 -43.54
C LEU A 391 5.68 -7.94 -44.18
N PRO A 392 4.42 -8.23 -44.53
CA PRO A 392 3.59 -7.20 -45.18
C PRO A 392 3.50 -5.88 -44.42
N VAL A 393 4.64 -5.17 -44.32
CA VAL A 393 4.86 -4.05 -43.36
C VAL A 393 3.68 -3.05 -43.37
N GLU A 394 2.87 -3.10 -44.42
CA GLU A 394 1.47 -2.68 -44.34
C GLU A 394 0.67 -3.51 -43.29
N GLN A 395 -0.56 -3.89 -43.60
CA GLN A 395 -1.40 -4.85 -42.86
C GLN A 395 -0.85 -5.54 -41.61
N ARG A 396 0.34 -6.13 -41.70
CA ARG A 396 1.00 -6.66 -40.50
C ARG A 396 1.61 -5.54 -39.62
N ASN A 397 1.03 -4.33 -39.65
CA ASN A 397 1.19 -3.36 -38.56
C ASN A 397 -0.14 -3.15 -37.81
N GLU A 398 -0.70 -4.27 -37.36
CA GLU A 398 -1.55 -4.28 -36.19
C GLU A 398 -0.62 -4.43 -34.99
N ILE A 399 0.58 -4.92 -35.23
CA ILE A 399 1.66 -5.00 -34.22
C ILE A 399 2.18 -3.58 -34.02
N LEU A 400 1.30 -2.74 -33.50
CA LEU A 400 1.49 -1.31 -33.52
C LEU A 400 0.33 -0.83 -32.67
N THR A 401 -0.88 -1.04 -33.17
CA THR A 401 -2.09 -0.73 -32.42
C THR A 401 -2.34 -1.72 -31.28
N ALA A 402 -1.61 -2.83 -31.28
CA ALA A 402 -1.56 -3.75 -30.14
C ALA A 402 -0.63 -3.27 -29.04
N ILE A 403 0.44 -2.56 -29.39
CA ILE A 403 1.47 -2.26 -28.39
C ILE A 403 1.66 -0.79 -28.01
N LEU A 404 1.35 0.13 -28.92
CA LEU A 404 1.67 1.55 -28.74
C LEU A 404 1.20 2.15 -27.41
N ALA A 405 -0.02 1.79 -27.00
CA ALA A 405 -0.53 2.25 -25.72
C ALA A 405 0.47 1.83 -24.66
N SER A 406 0.66 0.52 -24.60
CA SER A 406 1.52 -0.12 -23.59
C SER A 406 2.87 0.56 -23.50
N LEU A 407 3.40 0.99 -24.65
CA LEU A 407 4.73 1.59 -24.72
C LEU A 407 4.75 3.08 -24.40
N THR A 408 3.69 3.82 -24.75
CA THR A 408 3.63 5.24 -24.38
C THR A 408 3.52 5.28 -22.88
N ALA A 409 2.57 4.50 -22.36
CA ALA A 409 2.40 4.31 -20.92
C ALA A 409 3.70 3.95 -20.22
N ARG A 410 4.52 3.13 -20.88
CA ARG A 410 5.83 2.81 -20.37
C ARG A 410 6.68 4.05 -20.25
N GLN A 411 6.59 4.94 -21.25
CA GLN A 411 7.38 6.20 -21.30
C GLN A 411 6.89 7.23 -20.25
N ASN A 412 5.59 7.50 -20.26
CA ASN A 412 5.01 8.43 -19.29
C ASN A 412 5.35 8.09 -17.85
N LEU A 413 5.04 6.84 -17.47
CA LEU A 413 5.30 6.32 -16.13
C LEU A 413 6.77 6.37 -15.76
N ARG A 414 7.62 6.08 -16.74
CA ARG A 414 9.06 6.10 -16.54
C ARG A 414 9.58 7.50 -16.19
N ARG A 415 8.99 8.52 -16.82
CA ARG A 415 9.28 9.92 -16.49
C ARG A 415 8.77 10.24 -15.08
N GLU A 416 7.48 10.00 -14.88
CA GLU A 416 6.87 10.12 -13.56
C GLU A 416 7.69 9.49 -12.41
N TRP A 417 8.15 8.25 -12.55
CA TRP A 417 8.99 7.63 -11.50
C TRP A 417 10.42 8.23 -11.41
N HIS A 418 10.99 8.68 -12.54
CA HIS A 418 12.30 9.33 -12.52
C HIS A 418 12.16 10.64 -11.76
N ALA A 419 11.15 11.42 -12.10
CA ALA A 419 10.89 12.72 -11.47
C ALA A 419 10.86 12.61 -9.97
N ARG A 420 9.98 11.73 -9.47
CA ARG A 420 9.76 11.59 -8.04
C ARG A 420 11.00 11.12 -7.28
N CYS A 421 11.90 10.40 -7.94
CA CYS A 421 13.09 9.88 -7.28
C CYS A 421 14.15 10.94 -7.10
N GLN A 422 14.25 11.89 -8.03
CA GLN A 422 15.14 13.04 -7.85
C GLN A 422 14.36 14.35 -8.00
N SER A 423 13.35 14.49 -7.16
CA SER A 423 12.71 15.76 -6.87
C SER A 423 13.32 16.29 -5.59
N ARG A 424 13.04 17.56 -5.29
CA ARG A 424 13.71 18.33 -4.24
C ARG A 424 13.43 17.77 -2.86
N ILE A 425 12.17 17.42 -2.62
CA ILE A 425 11.75 16.76 -1.37
C ILE A 425 12.40 15.38 -1.10
N ALA A 426 12.82 14.68 -2.16
CA ALA A 426 13.41 13.36 -2.03
C ALA A 426 14.85 13.38 -1.50
N ARG A 427 15.53 14.52 -1.64
CA ARG A 427 16.89 14.72 -1.11
C ARG A 427 16.81 14.85 0.43
N THR A 428 15.85 15.65 0.88
CA THR A 428 15.67 15.90 2.32
C THR A 428 15.72 14.62 3.14
N LEU A 429 14.98 13.62 2.69
CA LEU A 429 14.96 12.26 3.25
C LEU A 429 16.35 11.74 3.65
N PRO A 430 16.40 10.80 4.63
CA PRO A 430 17.70 10.20 5.01
C PRO A 430 18.35 9.32 3.94
N ALA A 431 19.68 9.23 4.00
CA ALA A 431 20.48 8.43 3.04
C ALA A 431 20.13 6.93 3.02
N ASP A 432 19.65 6.39 4.14
CA ASP A 432 19.15 5.02 4.16
C ASP A 432 17.78 4.94 3.49
N GLN A 433 16.97 5.98 3.64
CA GLN A 433 15.62 6.01 3.06
C GLN A 433 15.45 6.49 1.62
N LYS A 434 16.31 7.39 1.13
CA LYS A 434 15.97 8.15 -0.10
C LYS A 434 15.60 7.24 -1.29
N PRO A 435 14.58 7.63 -2.07
CA PRO A 435 14.19 6.74 -3.16
C PRO A 435 15.26 6.47 -4.20
N GLU A 436 15.43 5.19 -4.54
CA GLU A 436 16.15 4.78 -5.74
C GLU A 436 15.17 4.67 -6.91
N CYS A 437 15.59 5.19 -8.07
CA CYS A 437 14.92 4.94 -9.34
C CYS A 437 15.52 3.71 -10.00
N ARG A 438 15.07 2.54 -9.60
CA ARG A 438 15.57 1.28 -10.14
C ARG A 438 14.44 0.54 -10.86
N PRO A 439 14.72 -0.20 -11.93
CA PRO A 439 16.05 -0.37 -12.56
C PRO A 439 16.43 0.80 -13.47
N TYR A 440 17.69 1.26 -13.39
CA TYR A 440 18.17 2.40 -14.21
C TYR A 440 19.49 2.10 -14.92
N TRP A 441 19.56 2.47 -16.21
CA TRP A 441 20.77 2.32 -17.03
C TRP A 441 20.93 3.49 -18.04
N GLU A 442 22.19 3.89 -18.27
CA GLU A 442 22.52 5.00 -19.18
C GLU A 442 22.42 4.62 -20.66
N LYS A 443 22.10 5.60 -21.51
CA LYS A 443 22.01 5.37 -22.97
C LYS A 443 23.22 4.63 -23.50
N ASP A 444 24.35 4.83 -22.84
CA ASP A 444 25.53 4.01 -23.05
C ASP A 444 25.22 2.55 -22.71
N ASP A 445 25.09 2.22 -21.42
CA ASP A 445 25.02 0.83 -20.92
C ASP A 445 24.62 -0.26 -21.94
N ALA A 446 25.60 -1.12 -22.21
CA ALA A 446 25.56 -2.15 -23.26
C ALA A 446 24.61 -3.30 -22.97
N SER A 447 24.70 -3.87 -21.77
CA SER A 447 23.91 -5.06 -21.39
C SER A 447 22.42 -4.95 -21.75
N MET A 448 21.85 -3.75 -21.64
CA MET A 448 20.46 -3.53 -21.96
C MET A 448 20.30 -3.42 -23.44
N PRO A 449 19.34 -4.16 -24.03
CA PRO A 449 19.06 -4.06 -25.46
C PRO A 449 18.21 -2.88 -25.90
N LEU A 450 17.87 -1.97 -24.99
CA LEU A 450 17.03 -0.82 -25.32
C LEU A 450 17.35 0.32 -24.37
N PRO A 451 16.94 1.53 -24.75
CA PRO A 451 17.26 2.64 -23.89
C PRO A 451 16.18 2.78 -22.83
N PHE A 452 16.54 3.43 -21.72
CA PHE A 452 15.57 3.97 -20.79
C PHE A 452 14.52 4.88 -21.47
N ASP A 453 14.88 5.44 -22.62
CA ASP A 453 13.94 5.78 -23.73
C ASP A 453 13.96 7.25 -24.04
N LEU A 454 13.56 8.05 -23.05
CA LEU A 454 13.18 9.45 -23.26
C LEU A 454 11.98 9.57 -24.23
N THR A 455 12.14 9.24 -25.52
CA THR A 455 10.97 8.99 -26.43
C THR A 455 11.32 8.31 -27.75
N ASP A 456 12.21 8.94 -28.52
CA ASP A 456 12.63 8.54 -29.90
C ASP A 456 11.81 7.39 -30.53
N ILE A 457 11.94 6.20 -29.94
CA ILE A 457 11.26 5.00 -30.38
C ILE A 457 9.79 5.27 -30.60
N VAL A 458 9.15 5.79 -29.57
CA VAL A 458 7.69 5.95 -29.55
C VAL A 458 7.26 6.99 -30.58
N SER A 459 8.09 8.03 -30.76
CA SER A 459 7.91 8.97 -31.87
C SER A 459 7.87 8.18 -33.17
N GLU A 460 8.98 7.52 -33.50
CA GLU A 460 9.14 6.76 -34.76
C GLU A 460 8.03 5.72 -35.05
N LEU A 461 7.42 5.21 -33.98
CA LEU A 461 6.35 4.24 -34.12
C LEU A 461 5.03 4.93 -34.37
N ARG A 462 4.87 6.16 -33.89
CA ARG A 462 3.74 7.00 -34.33
C ARG A 462 3.84 7.17 -35.85
N GLY A 463 5.04 7.55 -36.32
CA GLY A 463 5.32 7.82 -37.73
C GLY A 463 5.01 6.68 -38.67
N GLN A 464 5.24 5.45 -38.23
CA GLN A 464 4.83 4.27 -39.03
C GLN A 464 3.30 4.21 -39.13
#